data_7HJ2
#
_entry.id   7HJ2
#
_cell.length_a   26.250
_cell.length_b   47.179
_cell.length_c   46.442
_cell.angle_alpha   90.000
_cell.angle_beta   103.400
_cell.angle_gamma   90.000
#
_symmetry.space_group_name_H-M   'P 1 21 1'
#
loop_
_entity.id
_entity.type
_entity.pdbx_description
1 polymer 'De novo designed ABLE protein'
2 non-polymer '4-bromobenzoic acid'
3 water water
#
_entity_poly.entity_id   1
_entity_poly.type   'polypeptide(L)'
_entity_poly.pdbx_seq_one_letter_code
;SVKSEYAEAAAVGQEAVAVFNTMKAAFQNGDKEAVAQYLARLASLYTRHEELLNRILEKARREGNKEAVTLMNEFTATFQ
TGKSIFNAMVAAFKNGDDDSFESYLQALEKVTAKGETLADQIAKAL
;
_entity_poly.pdbx_strand_id   A
#
loop_
_chem_comp.id
_chem_comp.type
_chem_comp.name
_chem_comp.formula
Z82 non-polymer '4-bromobenzoic acid' 'C7 H5 Br O2'
#
# COMPACT_ATOMS: atom_id res chain seq x y z
N SER A 1 -10.41 9.17 16.93
N SER A 1 -10.56 9.06 17.01
CA SER A 1 -9.70 8.07 17.62
CA SER A 1 -9.67 8.12 17.71
C SER A 1 -8.72 7.40 16.68
C SER A 1 -8.71 7.46 16.74
N VAL A 2 -7.88 6.53 17.25
N VAL A 2 -7.91 6.52 17.24
CA VAL A 2 -6.97 5.75 16.42
CA VAL A 2 -7.02 5.77 16.36
C VAL A 2 -7.76 4.93 15.42
C VAL A 2 -7.84 4.97 15.36
N LYS A 3 -8.97 4.50 15.80
N LYS A 3 -9.07 4.60 15.73
CA LYS A 3 -9.78 3.69 14.91
CA LYS A 3 -9.91 3.83 14.82
C LYS A 3 -10.23 4.48 13.69
C LYS A 3 -10.34 4.66 13.62
N SER A 4 -10.61 5.75 13.89
N SER A 4 -10.71 5.93 13.85
CA SER A 4 -10.99 6.59 12.75
CA SER A 4 -11.04 6.80 12.73
C SER A 4 -9.80 6.97 11.89
C SER A 4 -9.81 7.12 11.88
N GLU A 5 -8.64 7.18 12.52
CA GLU A 5 -7.43 7.35 11.75
C GLU A 5 -7.16 6.09 10.92
N TYR A 6 -7.54 4.92 11.42
CA TYR A 6 -7.32 3.72 10.61
C TYR A 6 -8.29 3.67 9.43
N ALA A 7 -9.54 4.08 9.62
N ALA A 7 -9.48 4.25 9.56
CA ALA A 7 -10.47 4.07 8.50
CA ALA A 7 -10.44 4.26 8.46
C ALA A 7 -10.11 5.13 7.49
C ALA A 7 -9.94 5.10 7.28
N GLU A 8 -9.48 6.20 7.94
N GLU A 8 -9.31 6.24 7.57
CA GLU A 8 -8.94 7.19 7.02
CA GLU A 8 -8.64 7.00 6.51
C GLU A 8 -7.75 6.63 6.25
C GLU A 8 -7.57 6.15 5.85
N ALA A 9 -6.83 5.93 6.94
N ALA A 9 -6.80 5.42 6.65
CA ALA A 9 -5.71 5.31 6.26
CA ALA A 9 -5.82 4.51 6.09
C ALA A 9 -6.18 4.21 5.30
C ALA A 9 -6.49 3.49 5.18
N ALA A 10 -7.17 3.42 5.72
N ALA A 10 -7.64 2.95 5.58
CA ALA A 10 -7.67 2.37 4.84
CA ALA A 10 -8.31 1.98 4.71
C ALA A 10 -8.26 2.97 3.56
C ALA A 10 -8.80 2.63 3.44
N ALA A 11 -8.89 4.13 3.65
N ALA A 11 -9.16 3.92 3.50
CA ALA A 11 -9.45 4.73 2.44
CA ALA A 11 -9.62 4.61 2.29
C ALA A 11 -8.34 5.13 1.48
C ALA A 11 -8.47 4.88 1.33
N VAL A 12 -7.27 5.72 2.00
N VAL A 12 -7.31 5.26 1.85
CA VAL A 12 -6.13 6.07 1.16
CA VAL A 12 -6.14 5.48 1.01
C VAL A 12 -5.58 4.84 0.48
C VAL A 12 -5.68 4.16 0.39
N GLY A 13 -5.45 3.72 1.20
N GLY A 13 -5.76 3.07 1.14
CA GLY A 13 -5.02 2.49 0.54
CA GLY A 13 -5.49 1.77 0.55
C GLY A 13 -5.94 2.07 -0.59
C GLY A 13 -6.41 1.48 -0.63
N GLN A 14 -7.25 2.22 -0.39
N GLN A 14 -7.70 1.80 -0.47
CA GLN A 14 -8.22 1.86 -1.42
CA GLN A 14 -8.65 1.58 -1.56
C GLN A 14 -8.18 2.84 -2.58
C GLN A 14 -8.33 2.46 -2.76
N GLU A 15 -7.71 4.06 -2.36
N GLU A 15 -7.96 3.72 -2.52
CA GLU A 15 -7.44 4.96 -3.48
CA GLU A 15 -7.63 4.60 -3.63
C GLU A 15 -6.27 4.48 -4.32
C GLU A 15 -6.46 4.04 -4.44
N ALA A 16 -5.20 4.02 -3.65
N ALA A 16 -5.49 3.44 -3.75
CA ALA A 16 -4.09 3.43 -4.38
CA ALA A 16 -4.35 2.86 -4.44
C ALA A 16 -4.53 2.18 -5.13
C ALA A 16 -4.78 1.72 -5.34
N VAL A 17 -5.37 1.35 -4.53
N VAL A 17 -5.74 0.89 -4.88
CA VAL A 17 -5.87 0.17 -5.23
CA VAL A 17 -6.26 -0.16 -5.74
C VAL A 17 -6.55 0.58 -6.54
C VAL A 17 -6.88 0.44 -7.00
N ALA A 18 -7.43 1.57 -6.47
N ALA A 18 -7.66 1.50 -6.83
CA ALA A 18 -8.13 2.03 -7.65
CA ALA A 18 -8.32 2.12 -7.97
C ALA A 18 -7.15 2.52 -8.71
C ALA A 18 -7.31 2.70 -8.94
N VAL A 19 -6.26 3.42 -8.35
N VAL A 19 -6.33 3.44 -8.44
CA VAL A 19 -5.31 3.97 -9.32
CA VAL A 19 -5.35 4.07 -9.32
C VAL A 19 -4.42 2.86 -9.88
C VAL A 19 -4.46 3.01 -9.96
N PHE A 20 -4.04 1.90 -9.04
N PHE A 20 -4.10 1.98 -9.21
CA PHE A 20 -3.18 0.81 -9.50
CA PHE A 20 -3.31 0.89 -9.78
C PHE A 20 -3.84 0.02 -10.62
C PHE A 20 -4.07 0.19 -10.90
N ASN A 21 -5.10 -0.35 -10.43
N ASN A 21 -5.37 0.00 -10.74
CA ASN A 21 -5.77 -1.13 -11.47
CA ASN A 21 -6.12 -0.70 -11.76
C ASN A 21 -5.99 -0.31 -12.74
C ASN A 21 -6.16 0.09 -13.06
N THR A 22 -6.24 0.99 -12.61
N THR A 22 -6.33 1.41 -12.99
CA THR A 22 -6.29 1.86 -13.77
CA THR A 22 -6.28 2.21 -14.21
C THR A 22 -4.95 1.93 -14.48
C THR A 22 -4.86 2.29 -14.77
N MET A 23 -3.87 2.02 -13.70
N MET A 23 -3.85 2.19 -13.91
CA MET A 23 -2.51 2.07 -14.24
CA MET A 23 -2.47 2.17 -14.40
C MET A 23 -2.18 0.78 -15.00
C MET A 23 -2.16 0.86 -15.12
N LYS A 24 -2.62 -0.36 -14.47
N LYS A 24 -2.55 -0.27 -14.52
CA LYS A 24 -2.39 -1.64 -15.12
CA LYS A 24 -2.36 -1.57 -15.15
C LYS A 24 -3.05 -1.68 -16.49
C LYS A 24 -3.02 -1.58 -16.52
N ALA A 25 -4.26 -1.13 -16.58
CA ALA A 25 -4.96 -1.08 -17.87
C ALA A 25 -4.19 -0.23 -18.86
N ALA A 26 -3.71 0.94 -18.42
CA ALA A 26 -2.95 1.82 -19.29
C ALA A 26 -1.66 1.17 -19.75
N PHE A 27 -0.96 0.46 -18.86
CA PHE A 27 0.25 -0.26 -19.26
C PHE A 27 -0.09 -1.29 -20.33
N GLN A 28 -1.12 -2.10 -20.09
CA GLN A 28 -1.45 -3.12 -21.08
C GLN A 28 -1.74 -2.48 -22.43
N ASN A 29 -2.40 -1.32 -22.43
CA ASN A 29 -2.76 -0.58 -23.64
C ASN A 29 -1.61 0.18 -24.25
N GLY A 30 -0.46 0.29 -23.58
CA GLY A 30 0.67 1.00 -24.13
C GLY A 30 0.62 2.51 -24.01
N ASP A 31 -0.21 3.03 -23.10
CA ASP A 31 -0.39 4.47 -22.89
C ASP A 31 0.64 4.90 -21.84
N LYS A 32 1.88 5.06 -22.29
N LYS A 32 1.88 5.10 -22.29
CA LYS A 32 2.99 5.28 -21.37
CA LYS A 32 2.97 5.35 -21.35
C LYS A 32 2.86 6.61 -20.64
C LYS A 32 2.85 6.72 -20.69
N GLU A 33 2.31 7.63 -21.30
N GLU A 33 2.28 7.71 -21.39
CA GLU A 33 2.14 8.92 -20.64
CA GLU A 33 2.02 9.00 -20.75
C GLU A 33 1.14 8.83 -19.49
C GLU A 33 1.14 8.83 -19.52
N ALA A 34 0.05 8.06 -19.67
CA ALA A 34 -0.85 7.80 -18.56
C ALA A 34 -0.15 7.06 -17.44
N VAL A 35 0.58 5.99 -17.77
CA VAL A 35 1.30 5.24 -16.75
C VAL A 35 2.20 6.16 -15.93
N ALA A 36 2.96 7.02 -16.58
CA ALA A 36 3.87 7.91 -15.84
C ALA A 36 3.11 8.71 -14.79
N GLN A 37 1.97 9.28 -15.17
N GLN A 37 1.96 9.27 -15.17
CA GLN A 37 1.20 10.09 -14.24
CA GLN A 37 1.20 10.10 -14.24
C GLN A 37 0.63 9.24 -13.12
C GLN A 37 0.60 9.25 -13.11
N TYR A 38 0.11 8.06 -13.44
CA TYR A 38 -0.42 7.16 -12.43
C TYR A 38 0.68 6.72 -11.46
N LEU A 39 1.89 6.45 -11.96
CA LEU A 39 2.97 6.07 -11.05
C LEU A 39 3.31 7.21 -10.09
N ALA A 40 3.33 8.46 -10.57
N ALA A 40 3.30 8.46 -10.58
CA ALA A 40 3.53 9.57 -9.66
CA ALA A 40 3.50 9.58 -9.66
C ALA A 40 2.42 9.66 -8.61
C ALA A 40 2.38 9.65 -8.62
N ARG A 41 1.17 9.48 -9.04
N ARG A 41 1.14 9.42 -9.03
CA ARG A 41 0.03 9.54 -8.11
CA ARG A 41 0.01 9.46 -8.10
C ARG A 41 0.13 8.42 -7.07
C ARG A 41 0.12 8.34 -7.06
N LEU A 42 0.56 7.23 -7.49
N LEU A 42 0.52 7.14 -7.49
CA LEU A 42 0.75 6.12 -6.56
CA LEU A 42 0.66 6.02 -6.58
C LEU A 42 1.89 6.39 -5.60
C LEU A 42 1.81 6.23 -5.61
N ALA A 43 2.97 7.02 -6.04
N ALA A 43 2.90 6.88 -6.04
CA ALA A 43 4.05 7.34 -5.10
CA ALA A 43 4.00 7.13 -5.10
C ALA A 43 3.53 8.22 -3.98
C ALA A 43 3.58 8.12 -4.03
N SER A 44 2.77 9.25 -4.33
N SER A 44 2.75 9.10 -4.38
CA SER A 44 2.26 10.16 -3.32
CA SER A 44 2.21 10.02 -3.39
C SER A 44 1.30 9.47 -2.38
C SER A 44 1.29 9.30 -2.42
N LEU A 45 0.46 8.57 -2.91
N LEU A 45 0.44 8.40 -2.93
CA LEU A 45 -0.47 7.83 -2.06
CA LEU A 45 -0.45 7.63 -2.07
C LEU A 45 0.27 6.88 -1.12
C LEU A 45 0.33 6.76 -1.09
N TYR A 46 1.26 6.16 -1.62
N TYR A 46 1.43 6.15 -1.54
CA TYR A 46 2.00 5.26 -0.74
CA TYR A 46 2.29 5.43 -0.60
C TYR A 46 2.77 6.03 0.31
C TYR A 46 2.74 6.34 0.55
N THR A 47 3.30 7.21 -0.02
N THR A 47 3.27 7.51 0.20
CA THR A 47 3.99 8.01 0.99
CA THR A 47 3.76 8.43 1.22
C THR A 47 3.00 8.51 2.04
C THR A 47 2.67 8.76 2.23
N ARG A 48 1.78 8.87 1.65
N ARG A 48 1.52 9.23 1.74
CA ARG A 48 0.77 9.30 2.60
CA ARG A 48 0.42 9.58 2.63
C ARG A 48 0.31 8.14 3.48
C ARG A 48 -0.06 8.38 3.45
N HIS A 49 -0.01 7.01 2.86
N HIS A 49 -0.10 7.20 2.85
CA HIS A 49 -0.42 5.82 3.62
CA HIS A 49 -0.53 6.03 3.60
C HIS A 49 0.63 5.44 4.66
C HIS A 49 0.47 5.66 4.68
N GLU A 50 1.90 5.44 4.27
N GLU A 50 1.76 5.73 4.36
CA GLU A 50 2.99 5.04 5.15
CA GLU A 50 2.81 5.45 5.34
C GLU A 50 3.08 5.96 6.37
C GLU A 50 2.65 6.35 6.56
N GLU A 51 2.88 7.27 6.16
N GLU A 51 2.36 7.63 6.35
CA GLU A 51 2.92 8.21 7.27
CA GLU A 51 2.27 8.54 7.49
C GLU A 51 1.75 7.97 8.21
C GLU A 51 1.06 8.19 8.37
N LEU A 52 0.56 7.74 7.67
N LEU A 52 -0.03 7.76 7.75
CA LEU A 52 -0.62 7.49 8.51
CA LEU A 52 -1.17 7.31 8.55
C LEU A 52 -0.46 6.22 9.32
C LEU A 52 -0.85 6.01 9.27
N LEU A 53 -0.03 5.13 8.68
CA LEU A 53 0.24 3.88 9.37
C LEU A 53 1.23 4.07 10.50
N ASN A 54 2.29 4.85 10.26
N ASN A 54 2.18 5.00 10.36
CA ASN A 54 3.29 5.02 11.30
CA ASN A 54 3.07 5.28 11.48
C ASN A 54 2.71 5.76 12.49
C ASN A 54 2.31 5.95 12.62
N ARG A 55 1.86 6.76 12.25
N ARG A 55 1.37 6.85 12.32
CA ARG A 55 1.21 7.46 13.34
CA ARG A 55 0.62 7.48 13.38
C ARG A 55 0.31 6.52 14.13
C ARG A 55 -0.26 6.47 14.12
N ILE A 56 -0.41 5.65 13.44
N ILE A 56 -0.79 5.48 13.42
CA ILE A 56 -1.34 4.72 14.07
CA ILE A 56 -1.55 4.44 14.10
C ILE A 56 -0.57 3.74 14.96
C ILE A 56 -0.63 3.60 14.96
N LEU A 57 0.51 3.17 14.43
CA LEU A 57 1.41 2.32 15.21
C LEU A 57 1.95 3.03 16.43
N GLU A 58 2.41 4.27 16.28
CA GLU A 58 2.96 4.99 17.41
C GLU A 58 1.90 5.24 18.48
N LYS A 59 0.68 5.53 18.06
N LYS A 59 0.67 5.51 18.06
CA LYS A 59 -0.41 5.72 19.01
CA LYS A 59 -0.42 5.74 19.01
C LYS A 59 -0.70 4.42 19.76
C LYS A 59 -0.83 4.45 19.73
N ALA A 60 -0.79 3.33 19.03
CA ALA A 60 -1.02 2.04 19.69
C ALA A 60 0.09 1.74 20.70
N ARG A 61 1.34 2.04 20.35
N ARG A 61 1.34 2.08 20.37
CA ARG A 61 2.43 1.87 21.31
CA ARG A 61 2.46 1.89 21.29
C ARG A 61 2.18 2.71 22.56
C ARG A 61 2.31 2.75 22.54
N ARG A 62 1.86 3.99 22.37
CA ARG A 62 1.68 4.89 23.52
C ARG A 62 0.50 4.48 24.40
N GLU A 63 -0.52 3.84 23.82
CA GLU A 63 -1.70 3.32 24.48
C GLU A 63 -1.47 1.97 25.13
N GLY A 64 -0.29 1.37 24.93
N GLY A 64 -0.30 1.37 24.92
CA GLY A 64 0.02 0.06 25.47
CA GLY A 64 0.00 0.06 25.49
C GLY A 64 -0.78 -1.09 24.89
C GLY A 64 -0.82 -1.08 24.91
N ASN A 65 -1.28 -0.94 23.67
CA ASN A 65 -2.21 -1.91 23.06
C ASN A 65 -1.35 -2.96 22.38
N LYS A 66 -0.93 -3.97 23.15
N LYS A 66 -0.92 -3.95 23.16
CA LYS A 66 0.10 -4.89 22.65
CA LYS A 66 0.09 -4.89 22.67
C LYS A 66 -0.34 -5.63 21.42
C LYS A 66 -0.36 -5.58 21.40
N GLU A 67 -1.61 -6.06 21.37
CA GLU A 67 -2.05 -6.81 20.21
C GLU A 67 -2.07 -5.93 18.98
N ALA A 68 -2.54 -4.69 19.11
CA ALA A 68 -2.54 -3.80 17.95
C ALA A 68 -1.13 -3.53 17.46
N VAL A 69 -0.17 -3.38 18.40
CA VAL A 69 1.22 -3.11 18.05
C VAL A 69 1.80 -4.28 17.28
N THR A 70 1.56 -5.51 17.78
CA THR A 70 2.02 -6.71 17.07
C THR A 70 1.51 -6.76 15.64
N LEU A 71 0.20 -6.59 15.47
CA LEU A 71 -0.39 -6.68 14.14
C LEU A 71 0.10 -5.55 13.24
N MET A 72 0.25 -4.34 13.79
CA MET A 72 0.72 -3.20 13.01
C MET A 72 2.20 -3.36 12.63
N ASN A 73 3.02 -3.93 13.51
CA ASN A 73 4.41 -4.24 13.09
C ASN A 73 4.43 -5.24 11.95
N GLU A 74 3.60 -6.28 11.99
N GLU A 74 3.55 -6.25 11.98
CA GLU A 74 3.61 -7.22 10.87
CA GLU A 74 3.51 -7.25 10.92
C GLU A 74 3.13 -6.54 9.60
C GLU A 74 2.95 -6.67 9.63
N PHE A 75 2.08 -5.73 9.72
N PHE A 75 1.89 -5.87 9.73
CA PHE A 75 1.48 -5.11 8.57
CA PHE A 75 1.32 -5.28 8.51
C PHE A 75 2.41 -4.06 7.98
C PHE A 75 2.32 -4.36 7.84
N THR A 76 3.11 -3.31 8.85
N THR A 76 2.89 -3.44 8.60
CA THR A 76 4.07 -2.33 8.31
CA THR A 76 3.77 -2.45 7.98
C THR A 76 5.26 -3.00 7.62
C THR A 76 4.99 -3.10 7.33
N ALA A 77 5.69 -4.16 8.10
N ALA A 77 5.49 -4.19 7.91
CA ALA A 77 6.77 -4.87 7.43
CA ALA A 77 6.59 -4.91 7.26
C ALA A 77 6.35 -5.26 6.02
C ALA A 77 6.15 -5.45 5.90
N THR A 78 5.18 -5.87 5.89
N THR A 78 4.92 -5.95 5.81
CA THR A 78 4.68 -6.26 4.56
CA THR A 78 4.41 -6.43 4.52
C THR A 78 4.49 -5.02 3.67
C THR A 78 4.12 -5.27 3.58
N PHE A 79 3.99 -3.94 4.25
N PHE A 79 3.50 -4.20 4.11
CA PHE A 79 3.84 -2.68 3.50
CA PHE A 79 3.28 -2.98 3.33
C PHE A 79 5.17 -2.29 2.86
C PHE A 79 4.59 -2.48 2.72
N GLN A 80 6.27 -2.45 3.60
N GLN A 80 5.68 -2.53 3.50
CA GLN A 80 7.57 -2.08 3.05
CA GLN A 80 6.99 -2.07 3.00
C GLN A 80 8.01 -3.01 1.93
C GLN A 80 7.58 -2.99 1.93
N THR A 81 7.63 -4.30 1.98
N THR A 81 7.23 -4.28 1.93
CA THR A 81 7.86 -5.19 0.84
CA THR A 81 7.66 -5.17 0.86
C THR A 81 7.23 -4.62 -0.41
C THR A 81 6.97 -4.82 -0.44
N GLY A 82 5.96 -4.23 -0.31
N GLY A 82 5.69 -4.49 -0.35
CA GLY A 82 5.28 -3.63 -1.44
CA GLY A 82 5.00 -3.99 -1.52
C GLY A 82 5.99 -2.38 -1.92
C GLY A 82 5.59 -2.69 -2.02
N LYS A 83 6.36 -1.50 -0.99
N LYS A 83 5.94 -1.78 -1.10
CA LYS A 83 7.06 -0.29 -1.38
CA LYS A 83 6.49 -0.49 -1.51
C LYS A 83 8.30 -0.61 -2.20
C LYS A 83 7.84 -0.67 -2.20
N SER A 84 9.08 -1.61 -1.77
N SER A 84 8.68 -1.59 -1.70
CA SER A 84 10.26 -1.99 -2.54
CA SER A 84 10.00 -1.79 -2.27
C SER A 84 9.87 -2.54 -3.90
C SER A 84 9.93 -2.35 -3.68
N ILE A 85 8.82 -3.38 -3.97
N ILE A 85 8.99 -3.27 -3.92
CA ILE A 85 8.42 -3.89 -5.27
CA ILE A 85 8.80 -3.77 -5.28
C ILE A 85 7.91 -2.75 -6.15
C ILE A 85 8.25 -2.67 -6.16
N PHE A 86 7.11 -1.86 -5.58
N PHE A 86 7.47 -1.74 -5.59
CA PHE A 86 6.66 -0.70 -6.32
CA PHE A 86 6.98 -0.62 -6.38
C PHE A 86 7.85 0.08 -6.85
C PHE A 86 8.13 0.24 -6.86
N ASN A 87 8.81 0.40 -5.98
N ASN A 87 9.12 0.49 -6.00
CA ASN A 87 9.94 1.21 -6.45
CA ASN A 87 10.27 1.27 -6.44
C ASN A 87 10.74 0.48 -7.53
C ASN A 87 10.94 0.62 -7.63
N ALA A 88 10.77 -0.84 -7.50
N ALA A 88 11.14 -0.70 -7.56
CA ALA A 88 11.44 -1.59 -8.56
CA ALA A 88 11.77 -1.40 -8.67
C ALA A 88 10.64 -1.51 -9.87
C ALA A 88 10.91 -1.30 -9.93
N MET A 89 9.31 -1.46 -9.76
N MET A 89 9.58 -1.41 -9.77
CA MET A 89 8.46 -1.26 -10.93
CA MET A 89 8.69 -1.29 -10.92
C MET A 89 8.69 0.10 -11.56
C MET A 89 8.77 0.09 -11.55
N VAL A 90 8.82 1.13 -10.73
CA VAL A 90 9.06 2.46 -11.24
C VAL A 90 10.37 2.50 -12.01
N ALA A 91 11.40 1.88 -11.47
CA ALA A 91 12.70 1.86 -12.15
C ALA A 91 12.62 1.11 -13.49
N ALA A 92 11.88 0.00 -13.53
CA ALA A 92 11.69 -0.73 -14.76
C ALA A 92 10.96 0.10 -15.81
N PHE A 93 10.02 0.94 -15.39
CA PHE A 93 9.37 1.82 -16.33
C PHE A 93 10.32 2.87 -16.89
N LYS A 94 11.10 3.49 -16.02
N LYS A 94 11.15 3.44 -16.02
CA LYS A 94 12.14 4.42 -16.47
CA LYS A 94 12.14 4.43 -16.43
C LYS A 94 13.02 3.75 -17.51
C LYS A 94 13.18 3.82 -17.36
N ASN A 95 13.47 2.53 -17.23
CA ASN A 95 14.46 1.86 -18.06
C ASN A 95 13.86 1.25 -19.32
N GLY A 96 12.55 1.31 -19.51
CA GLY A 96 11.92 0.68 -20.67
C GLY A 96 11.89 -0.83 -20.64
N ASP A 97 11.92 -1.44 -19.47
CA ASP A 97 11.96 -2.88 -19.31
C ASP A 97 10.56 -3.38 -19.02
N ASP A 98 9.78 -3.67 -20.06
CA ASP A 98 8.40 -4.06 -19.86
C ASP A 98 8.31 -5.43 -19.24
N ASP A 99 9.28 -6.31 -19.52
N ASP A 99 9.28 -6.30 -19.52
CA ASP A 99 9.27 -7.62 -18.90
CA ASP A 99 9.28 -7.63 -18.90
C ASP A 99 9.32 -7.52 -17.38
C ASP A 99 9.32 -7.52 -17.38
N SER A 100 10.27 -6.77 -16.84
CA SER A 100 10.33 -6.58 -15.40
C SER A 100 9.09 -5.88 -14.88
N PHE A 101 8.59 -4.88 -15.62
CA PHE A 101 7.41 -4.15 -15.15
C PHE A 101 6.23 -5.11 -14.97
N GLU A 102 5.95 -5.94 -15.96
N GLU A 102 5.94 -5.92 -15.98
CA GLU A 102 4.90 -6.95 -15.81
CA GLU A 102 4.85 -6.89 -15.91
C GLU A 102 5.14 -7.80 -14.57
C GLU A 102 5.00 -7.80 -14.70
N SER A 103 6.36 -8.33 -14.43
N SER A 103 6.22 -8.29 -14.46
CA SER A 103 6.70 -9.19 -13.31
CA SER A 103 6.50 -9.19 -13.35
C SER A 103 6.41 -8.49 -11.98
C SER A 103 6.22 -8.49 -12.02
N TYR A 104 6.95 -7.29 -11.81
N TYR A 104 6.85 -7.33 -11.81
CA TYR A 104 6.78 -6.56 -10.57
CA TYR A 104 6.60 -6.56 -10.60
C TYR A 104 5.32 -6.24 -10.30
C TYR A 104 5.13 -6.23 -10.45
N LEU A 105 4.54 -5.98 -11.35
N LEU A 105 4.48 -5.91 -11.56
CA LEU A 105 3.12 -5.64 -11.16
CA LEU A 105 3.05 -5.65 -11.54
C LEU A 105 2.36 -6.84 -10.57
C LEU A 105 2.30 -6.79 -10.87
N GLN A 106 2.61 -8.04 -11.11
N GLN A 106 2.63 -8.03 -11.24
CA GLN A 106 1.98 -9.23 -10.56
CA GLN A 106 1.92 -9.18 -10.69
C GLN A 106 2.44 -9.48 -9.14
C GLN A 106 2.35 -9.49 -9.27
N ALA A 107 3.73 -9.30 -8.86
N ALA A 107 3.65 -9.36 -8.98
CA ALA A 107 4.24 -9.52 -7.52
CA ALA A 107 4.12 -9.63 -7.63
C ALA A 107 3.60 -8.57 -6.53
C ALA A 107 3.57 -8.63 -6.64
N LEU A 108 3.40 -7.32 -6.94
N LEU A 108 3.47 -7.37 -7.06
CA LEU A 108 2.81 -6.33 -6.04
CA LEU A 108 2.92 -6.33 -6.21
C LEU A 108 1.33 -6.63 -5.78
C LEU A 108 1.48 -6.65 -5.82
N GLU A 109 0.62 -7.11 -6.80
N GLU A 109 0.70 -7.18 -6.76
CA GLU A 109 -0.76 -7.55 -6.60
CA GLU A 109 -0.67 -7.57 -6.47
C GLU A 109 -0.83 -8.70 -5.59
C GLU A 109 -0.70 -8.62 -5.36
N LYS A 110 0.11 -9.64 -5.66
N LYS A 110 0.13 -9.65 -5.49
CA LYS A 110 0.08 -10.78 -4.77
CA LYS A 110 0.10 -10.75 -4.53
C LYS A 110 0.45 -10.39 -3.34
C LYS A 110 0.58 -10.30 -3.15
N VAL A 111 1.47 -9.55 -3.17
N VAL A 111 1.55 -9.38 -3.10
CA VAL A 111 1.82 -9.10 -1.82
CA VAL A 111 2.09 -8.95 -1.82
C VAL A 111 0.69 -8.25 -1.25
C VAL A 111 1.10 -8.03 -1.10
N THR A 112 -0.01 -7.49 -2.10
N THR A 112 0.45 -7.13 -1.82
CA THR A 112 -1.14 -6.70 -1.65
CA THR A 112 -0.51 -6.23 -1.19
C THR A 112 -2.30 -7.59 -1.23
C THR A 112 -1.80 -6.96 -0.83
N ALA A 113 -2.67 -8.56 -2.08
N ALA A 113 -2.25 -7.89 -1.67
CA ALA A 113 -3.81 -9.42 -1.79
CA ALA A 113 -3.45 -8.64 -1.36
C ALA A 113 -3.57 -10.21 -0.50
C ALA A 113 -3.22 -9.55 -0.15
N LYS A 114 -2.35 -10.65 -0.27
N LYS A 114 -2.06 -10.21 -0.08
CA LYS A 114 -2.05 -11.40 0.95
CA LYS A 114 -1.77 -11.11 1.04
C LYS A 114 -2.28 -10.55 2.18
C LYS A 114 -1.89 -10.39 2.37
N GLY A 115 -1.72 -9.34 2.20
N GLY A 115 -1.58 -9.10 2.41
CA GLY A 115 -1.80 -8.50 3.37
CA GLY A 115 -1.66 -8.35 3.65
C GLY A 115 -3.16 -7.84 3.56
C GLY A 115 -3.04 -7.84 3.99
N GLU A 116 -4.24 -8.59 3.33
N GLU A 116 -4.07 -8.36 3.33
CA GLU A 116 -5.57 -8.06 3.56
CA GLU A 116 -5.42 -7.82 3.50
C GLU A 116 -6.30 -8.70 4.72
C GLU A 116 -6.17 -8.49 4.64
N THR A 117 -6.14 -10.00 4.95
N THR A 117 -6.05 -9.81 4.79
CA THR A 117 -6.73 -10.59 6.14
CA THR A 117 -6.69 -10.46 5.92
C THR A 117 -6.17 -9.97 7.41
C THR A 117 -6.18 -9.91 7.24
N LEU A 118 -4.93 -9.48 7.35
N LEU A 118 -4.92 -9.45 7.27
CA LEU A 118 -4.36 -8.77 8.49
CA LEU A 118 -4.39 -8.79 8.45
C LEU A 118 -4.94 -7.36 8.61
C LEU A 118 -4.96 -7.39 8.60
N ALA A 119 -5.16 -6.69 7.47
CA ALA A 119 -5.71 -5.34 7.50
C ALA A 119 -7.05 -5.32 8.21
N ASP A 120 -7.87 -6.36 8.01
N ASP A 120 -7.86 -6.36 8.03
CA ASP A 120 -9.15 -6.43 8.71
CA ASP A 120 -9.15 -6.44 8.70
C ASP A 120 -8.94 -6.75 10.19
C ASP A 120 -9.03 -6.91 10.15
N GLN A 121 -7.95 -7.56 10.52
N GLN A 121 -7.91 -7.53 10.52
CA GLN A 121 -7.66 -7.87 11.92
CA GLN A 121 -7.68 -7.90 11.92
C GLN A 121 -7.27 -6.62 12.70
C GLN A 121 -7.28 -6.71 12.77
N ILE A 122 -6.56 -5.69 12.04
N ILE A 122 -6.52 -5.78 12.20
CA ILE A 122 -6.11 -4.48 12.72
CA ILE A 122 -6.05 -4.62 12.95
C ILE A 122 -7.28 -3.55 12.98
C ILE A 122 -7.25 -3.80 13.44
N ALA A 123 -8.22 -3.47 12.05
N ALA A 123 -8.15 -3.48 12.50
CA ALA A 123 -9.39 -2.63 12.25
CA ALA A 123 -9.29 -2.62 12.81
C ALA A 123 -10.13 -3.06 13.52
C ALA A 123 -10.05 -3.14 14.01
N LYS A 124 -10.20 -4.36 13.78
N LYS A 124 -10.21 -4.45 14.11
CA LYS A 124 -10.91 -4.85 14.95
CA LYS A 124 -10.90 -5.06 15.23
C LYS A 124 -10.09 -4.72 16.23
C LYS A 124 -10.03 -5.12 16.49
N ALA A 125 -8.77 -4.62 16.11
N ALA A 125 -8.78 -4.64 16.41
CA ALA A 125 -7.91 -4.64 17.27
CA ALA A 125 -7.88 -4.67 17.55
C ALA A 125 -7.70 -3.26 17.89
C ALA A 125 -7.55 -3.31 18.13
N LEU A 126 -7.91 -2.19 17.15
N LEU A 126 -7.62 -2.26 17.33
CA LEU A 126 -7.55 -0.86 17.63
CA LEU A 126 -7.17 -0.93 17.78
C LEU A 126 -8.59 -0.33 18.60
C LEU A 126 -7.89 -0.43 19.02
C1 Z82 B . -0.62 1.21 -1.77
O1 Z82 B . -1.72 0.31 0.14
C2 Z82 B . -0.19 2.40 -2.44
C3 Z82 B . 0.35 2.31 -3.69
C4 Z82 B . 0.46 1.00 -4.26
BR4 Z82 B . 1.25 0.78 -6.11
C5 Z82 B . 0.02 -0.18 -3.61
C6 Z82 B . -0.52 -0.07 -2.37
C7 Z82 B . -1.23 1.32 -0.39
H2 Z82 B . -0.29 3.35 -1.93
H3 Z82 B . 0.70 3.18 -4.24
O2 Z82 B . -1.17 2.48 0.05
H5 Z82 B . 0.14 -1.13 -4.10
H6 Z82 B . -0.86 -0.94 -1.80
#